data_9DB7
#
_entry.id   9DB7
#
_cell.length_a   56.772
_cell.length_b   58.685
_cell.length_c   62.242
_cell.angle_alpha   90.00
_cell.angle_beta   90.89
_cell.angle_gamma   90.00
#
_symmetry.space_group_name_H-M   'P 1 21 1'
#
loop_
_entity.id
_entity.type
_entity.pdbx_description
1 polymer 'Metallo-beta-lactamase type 2'
2 non-polymer '{[7-bromo-1-(cyclopentylmethyl)-3-methyl-2-oxo-1,2-dihydroquinolin-4-yl]methyl}phosphonic acid'
3 non-polymer 'ZINC ION'
4 non-polymer GLYCEROL
5 water water
#
_entity_poly.entity_id   1
_entity_poly.type   'polypeptide(L)'
_entity_poly.pdbx_seq_one_letter_code
;GSHMGDQRFGDLVFRQLAPNVWQHTSYLDMPGFGAVASNGLIVRDGGRVLVVDTAWTDDQTAQILNWIKQEINLPVALAV
VTHAHQDKMGGMDALHAAGIATYANALSNQLAPQEGMVAAQHSLTFAANGWVEPATAPNFGPLKVFYPGPGHTSDNITVG
IDGTDIAFGGCLIKDSKAKSLGNLGDADTEHYAASARAFGAAFPKASMIVMSHSAPDSRAAITHTARMADKLR
;
_entity_poly.pdbx_strand_id   A,B
#
loop_
_chem_comp.id
_chem_comp.type
_chem_comp.name
_chem_comp.formula
A1A14 non-polymer '{[7-bromo-1-(cyclopentylmethyl)-3-methyl-2-oxo-1,2-dihydroquinolin-4-yl]methyl}phosphonic acid' 'C17 H21 Br N O4 P'
GOL non-polymer GLYCEROL 'C3 H8 O3'
ZN non-polymer 'ZINC ION' 'Zn 2'
#
# COMPACT_ATOMS: atom_id res chain seq x y z
N GLY A 5 4.88 -15.28 6.33
CA GLY A 5 5.08 -13.83 6.52
C GLY A 5 4.77 -13.04 5.26
N ASP A 6 4.25 -11.83 5.43
CA ASP A 6 3.97 -10.88 4.32
C ASP A 6 5.30 -10.34 3.74
N GLN A 7 5.60 -10.67 2.50
CA GLN A 7 6.82 -10.16 1.82
C GLN A 7 6.42 -8.94 0.98
N ARG A 8 7.07 -7.81 1.17
CA ARG A 8 6.74 -6.55 0.46
C ARG A 8 7.56 -6.43 -0.82
N PHE A 9 6.92 -6.09 -1.94
CA PHE A 9 7.65 -5.88 -3.21
C PHE A 9 6.95 -4.79 -3.99
N GLY A 10 7.64 -3.68 -4.20
CA GLY A 10 7.07 -2.36 -4.51
C GLY A 10 5.81 -2.18 -3.68
N ASP A 11 4.67 -2.06 -4.35
CA ASP A 11 3.42 -1.69 -3.65
C ASP A 11 2.56 -2.93 -3.42
N LEU A 12 3.09 -4.13 -3.71
CA LEU A 12 2.36 -5.41 -3.60
C LEU A 12 2.88 -6.21 -2.40
N VAL A 13 2.09 -7.19 -1.97
CA VAL A 13 2.42 -8.11 -0.86
C VAL A 13 2.24 -9.53 -1.38
N PHE A 14 3.19 -10.37 -1.02
CA PHE A 14 3.21 -11.80 -1.41
C PHE A 14 3.35 -12.61 -0.11
N ARG A 15 2.55 -13.65 0.00
CA ARG A 15 2.57 -14.50 1.21
C ARG A 15 2.62 -15.96 0.78
N GLN A 16 3.59 -16.71 1.27
CA GLN A 16 3.68 -18.14 0.91
C GLN A 16 2.62 -18.88 1.72
N LEU A 17 1.77 -19.67 1.07
CA LEU A 17 0.67 -20.41 1.74
C LEU A 17 1.01 -21.89 1.88
N ALA A 18 1.90 -22.41 1.02
CA ALA A 18 2.28 -23.83 0.92
C ALA A 18 3.61 -23.88 0.17
N PRO A 19 4.36 -25.01 0.17
CA PRO A 19 5.64 -25.04 -0.52
C PRO A 19 5.58 -24.52 -1.97
N ASN A 20 4.49 -24.76 -2.69
CA ASN A 20 4.42 -24.38 -4.13
C ASN A 20 3.40 -23.26 -4.37
N VAL A 21 2.93 -22.55 -3.34
CA VAL A 21 1.77 -21.62 -3.52
C VAL A 21 2.00 -20.34 -2.74
N TRP A 22 1.89 -19.21 -3.44
CA TRP A 22 1.93 -17.86 -2.84
C TRP A 22 0.61 -17.13 -3.17
N GLN A 23 0.20 -16.26 -2.26
CA GLN A 23 -0.87 -15.27 -2.51
C GLN A 23 -0.21 -13.96 -2.94
N HIS A 24 -0.70 -13.37 -4.02
CA HIS A 24 -0.33 -11.99 -4.43
C HIS A 24 -1.45 -11.06 -3.98
N THR A 25 -1.06 -9.88 -3.50
CA THR A 25 -2.03 -8.87 -3.00
C THR A 25 -1.65 -7.51 -3.59
N SER A 26 -2.60 -6.85 -4.22
CA SER A 26 -2.51 -5.47 -4.77
C SER A 26 -3.64 -4.60 -4.21
N TYR A 27 -3.42 -3.28 -4.18
CA TYR A 27 -4.31 -2.32 -3.48
C TYR A 27 -4.76 -1.25 -4.48
N LEU A 28 -6.01 -0.82 -4.30
CA LEU A 28 -6.62 0.35 -4.98
C LEU A 28 -7.21 1.23 -3.88
N ASP A 29 -6.70 2.46 -3.80
CA ASP A 29 -7.23 3.51 -2.90
C ASP A 29 -8.59 3.95 -3.45
N MET A 30 -9.68 3.60 -2.78
CA MET A 30 -11.06 3.83 -3.25
C MET A 30 -11.79 4.77 -2.29
N PRO A 31 -12.06 6.03 -2.70
CA PRO A 31 -12.73 6.99 -1.81
C PRO A 31 -13.99 6.41 -1.16
N GLY A 32 -14.05 6.53 0.17
CA GLY A 32 -15.13 6.03 1.01
C GLY A 32 -14.99 4.58 1.43
N PHE A 33 -14.04 3.82 0.87
CA PHE A 33 -13.81 2.39 1.20
C PHE A 33 -12.39 2.13 1.68
N GLY A 34 -11.50 3.12 1.61
CA GLY A 34 -10.11 2.93 2.06
C GLY A 34 -9.28 2.21 1.01
N ALA A 35 -8.15 1.67 1.43
CA ALA A 35 -7.22 0.91 0.57
C ALA A 35 -7.76 -0.52 0.43
N VAL A 36 -8.20 -0.89 -0.77
CA VAL A 36 -8.88 -2.21 -0.95
C VAL A 36 -7.87 -3.24 -1.50
N ALA A 37 -7.62 -4.31 -0.74
CA ALA A 37 -6.80 -5.44 -1.16
C ALA A 37 -7.58 -6.22 -2.22
N SER A 38 -6.83 -6.78 -3.17
CA SER A 38 -7.25 -7.87 -4.08
C SER A 38 -6.19 -8.95 -4.13
N ASN A 39 -6.60 -10.21 -3.92
CA ASN A 39 -5.70 -11.39 -3.87
C ASN A 39 -5.87 -12.26 -5.13
N GLY A 40 -4.75 -12.81 -5.58
CA GLY A 40 -4.68 -13.96 -6.48
C GLY A 40 -3.62 -14.93 -6.01
N LEU A 41 -3.31 -15.92 -6.84
CA LEU A 41 -2.35 -16.97 -6.49
C LEU A 41 -1.23 -17.04 -7.52
N ILE A 42 -0.11 -17.55 -7.04
CA ILE A 42 1.09 -17.96 -7.82
C ILE A 42 1.36 -19.41 -7.39
N VAL A 43 1.37 -20.29 -8.37
CA VAL A 43 1.59 -21.74 -8.15
C VAL A 43 2.82 -22.18 -8.95
N ARG A 44 3.80 -22.79 -8.26
CA ARG A 44 4.98 -23.40 -8.91
C ARG A 44 4.65 -24.88 -9.18
N ASP A 45 4.92 -25.35 -10.40
CA ASP A 45 4.62 -26.74 -10.85
C ASP A 45 5.71 -27.17 -11.83
N GLY A 46 6.44 -28.23 -11.51
CA GLY A 46 7.64 -28.57 -12.28
C GLY A 46 8.59 -27.40 -12.21
N GLY A 47 8.98 -26.90 -13.38
CA GLY A 47 9.97 -25.85 -13.58
C GLY A 47 9.28 -24.64 -14.17
N ARG A 48 8.02 -24.43 -13.80
CA ARG A 48 7.25 -23.26 -14.28
C ARG A 48 6.35 -22.71 -13.19
N VAL A 49 5.78 -21.54 -13.49
CA VAL A 49 4.86 -20.83 -12.59
C VAL A 49 3.53 -20.59 -13.32
N LEU A 50 2.45 -20.73 -12.57
CA LEU A 50 1.07 -20.49 -13.03
C LEU A 50 0.51 -19.34 -12.21
N VAL A 51 -0.20 -18.42 -12.84
CA VAL A 51 -0.77 -17.24 -12.13
C VAL A 51 -2.28 -17.31 -12.16
N VAL A 52 -2.91 -17.11 -10.99
CA VAL A 52 -4.39 -17.03 -10.89
C VAL A 52 -4.70 -15.57 -10.56
N ASP A 53 -5.38 -14.89 -11.48
CA ASP A 53 -5.86 -13.50 -11.37
C ASP A 53 -4.73 -12.50 -11.62
N THR A 54 -5.06 -11.39 -12.28
CA THR A 54 -4.14 -10.23 -12.38
C THR A 54 -4.27 -9.43 -11.08
N ALA A 55 -3.50 -8.36 -10.96
CA ALA A 55 -3.70 -7.27 -9.99
C ALA A 55 -4.73 -6.29 -10.54
N TRP A 56 -5.05 -5.25 -9.79
CA TRP A 56 -6.04 -4.23 -10.22
C TRP A 56 -5.59 -3.56 -11.53
N THR A 57 -4.29 -3.36 -11.72
CA THR A 57 -3.74 -2.54 -12.84
C THR A 57 -2.67 -3.30 -13.60
N ASP A 58 -2.35 -2.81 -14.81
CA ASP A 58 -1.24 -3.32 -15.64
C ASP A 58 0.07 -3.16 -14.87
N ASP A 59 0.33 -1.97 -14.32
CA ASP A 59 1.59 -1.68 -13.58
C ASP A 59 1.76 -2.66 -12.43
N GLN A 60 0.71 -2.90 -11.63
CA GLN A 60 0.80 -3.85 -10.50
C GLN A 60 1.05 -5.25 -11.03
N THR A 61 0.40 -5.64 -12.12
CA THR A 61 0.56 -7.01 -12.65
C THR A 61 2.00 -7.21 -13.12
N ALA A 62 2.60 -6.21 -13.78
CA ALA A 62 4.03 -6.22 -14.16
C ALA A 62 4.86 -6.46 -12.90
N GLN A 63 4.46 -5.86 -11.78
CA GLN A 63 5.23 -6.05 -10.52
C GLN A 63 5.12 -7.49 -10.03
N ILE A 64 3.98 -8.17 -10.22
CA ILE A 64 3.84 -9.63 -9.94
C ILE A 64 4.92 -10.37 -10.75
N LEU A 65 5.07 -10.07 -12.02
CA LEU A 65 6.03 -10.73 -12.93
C LEU A 65 7.45 -10.45 -12.45
N ASN A 66 7.73 -9.21 -12.04
CA ASN A 66 9.07 -8.85 -11.51
C ASN A 66 9.35 -9.63 -10.22
N TRP A 67 8.38 -9.75 -9.31
CA TRP A 67 8.54 -10.53 -8.07
C TRP A 67 8.85 -11.99 -8.40
N ILE A 68 8.11 -12.58 -9.36
CA ILE A 68 8.30 -14.01 -9.73
C ILE A 68 9.73 -14.21 -10.30
N LYS A 69 10.19 -13.30 -11.13
CA LYS A 69 11.53 -13.34 -11.74
C LYS A 69 12.54 -13.32 -10.60
N GLN A 70 12.38 -12.40 -9.67
CA GLN A 70 13.41 -12.20 -8.61
C GLN A 70 13.38 -13.37 -7.63
N GLU A 71 12.22 -13.77 -7.15
CA GLU A 71 12.12 -14.72 -6.00
C GLU A 71 12.07 -16.18 -6.46
N ILE A 72 11.58 -16.47 -7.66
CA ILE A 72 11.40 -17.86 -8.15
C ILE A 72 12.26 -18.13 -9.40
N ASN A 73 12.26 -17.20 -10.36
CA ASN A 73 13.16 -17.22 -11.55
C ASN A 73 12.85 -18.46 -12.41
N LEU A 74 11.57 -18.73 -12.58
CA LEU A 74 11.08 -19.78 -13.48
C LEU A 74 10.10 -19.09 -14.42
N PRO A 75 9.94 -19.59 -15.65
CA PRO A 75 8.99 -19.01 -16.60
C PRO A 75 7.54 -19.11 -16.12
N VAL A 76 6.75 -18.08 -16.44
CA VAL A 76 5.29 -18.08 -16.22
C VAL A 76 4.66 -18.76 -17.41
N ALA A 77 4.15 -19.96 -17.24
CA ALA A 77 3.62 -20.79 -18.34
C ALA A 77 2.27 -20.26 -18.77
N LEU A 78 1.46 -19.79 -17.84
CA LEU A 78 0.08 -19.34 -18.17
C LEU A 78 -0.50 -18.57 -16.97
N ALA A 79 -1.56 -17.86 -17.25
CA ALA A 79 -2.39 -17.19 -16.25
C ALA A 79 -3.82 -17.51 -16.57
N VAL A 80 -4.63 -17.67 -15.54
CA VAL A 80 -6.10 -17.83 -15.66
C VAL A 80 -6.74 -16.80 -14.77
N VAL A 81 -7.80 -16.17 -15.23
CA VAL A 81 -8.49 -15.14 -14.42
C VAL A 81 -9.91 -15.61 -14.10
N THR A 82 -10.44 -15.18 -12.96
CA THR A 82 -11.62 -15.81 -12.33
C THR A 82 -12.90 -15.08 -12.71
N HIS A 83 -12.87 -13.81 -13.17
CA HIS A 83 -14.06 -13.10 -13.71
C HIS A 83 -13.66 -11.76 -14.30
N ALA A 84 -14.49 -11.20 -15.18
CA ALA A 84 -14.22 -9.95 -15.91
C ALA A 84 -14.61 -8.73 -15.06
N HIS A 85 -13.93 -8.51 -13.92
CA HIS A 85 -13.93 -7.23 -13.19
C HIS A 85 -12.49 -6.75 -13.03
N GLN A 86 -12.32 -5.45 -12.75
CA GLN A 86 -10.96 -4.83 -12.72
C GLN A 86 -10.01 -5.55 -11.74
N ASP A 87 -10.48 -6.02 -10.59
CA ASP A 87 -9.56 -6.57 -9.54
C ASP A 87 -8.88 -7.85 -10.03
N LYS A 88 -9.51 -8.62 -10.93
CA LYS A 88 -9.04 -9.97 -11.34
C LYS A 88 -8.52 -9.96 -12.77
N MET A 89 -8.95 -9.03 -13.62
CA MET A 89 -8.62 -9.00 -15.06
C MET A 89 -8.01 -7.65 -15.46
N GLY A 90 -7.94 -6.66 -14.57
CA GLY A 90 -7.41 -5.33 -14.91
C GLY A 90 -6.00 -5.30 -15.47
N GLY A 91 -5.14 -6.28 -15.20
CA GLY A 91 -3.77 -6.27 -15.74
C GLY A 91 -3.49 -7.23 -16.89
N MET A 92 -4.50 -7.64 -17.65
CA MET A 92 -4.33 -8.65 -18.70
C MET A 92 -3.26 -8.18 -19.69
N ASP A 93 -3.26 -6.90 -20.07
CA ASP A 93 -2.29 -6.44 -21.11
C ASP A 93 -0.84 -6.60 -20.61
N ALA A 94 -0.55 -6.40 -19.33
CA ALA A 94 0.79 -6.68 -18.76
C ALA A 94 1.22 -8.13 -19.03
N LEU A 95 0.34 -9.12 -18.83
CA LEU A 95 0.64 -10.53 -19.17
C LEU A 95 0.95 -10.67 -20.67
N HIS A 96 0.14 -10.10 -21.55
CA HIS A 96 0.34 -10.21 -23.02
C HIS A 96 1.67 -9.52 -23.40
N ALA A 97 1.99 -8.41 -22.78
CA ALA A 97 3.24 -7.66 -23.08
C ALA A 97 4.43 -8.56 -22.76
N ALA A 98 4.30 -9.41 -21.74
CA ALA A 98 5.38 -10.34 -21.30
C ALA A 98 5.30 -11.65 -22.09
N GLY A 99 4.39 -11.81 -23.03
CA GLY A 99 4.26 -13.04 -23.84
C GLY A 99 3.74 -14.26 -23.07
N ILE A 100 2.92 -14.05 -22.03
CA ILE A 100 2.29 -15.12 -21.21
C ILE A 100 0.99 -15.56 -21.88
N ALA A 101 0.76 -16.86 -21.99
CA ALA A 101 -0.54 -17.42 -22.45
C ALA A 101 -1.59 -17.15 -21.38
N THR A 102 -2.72 -16.59 -21.77
CA THR A 102 -3.82 -16.23 -20.84
C THR A 102 -5.09 -17.03 -21.16
N TYR A 103 -5.82 -17.36 -20.11
CA TYR A 103 -7.03 -18.21 -20.14
C TYR A 103 -8.09 -17.55 -19.28
N ALA A 104 -9.32 -17.66 -19.73
CA ALA A 104 -10.50 -17.26 -18.95
C ALA A 104 -11.69 -18.04 -19.44
N ASN A 105 -12.73 -18.03 -18.62
CA ASN A 105 -14.08 -18.50 -19.02
C ASN A 105 -14.41 -17.87 -20.37
N ALA A 106 -14.92 -18.63 -21.32
CA ALA A 106 -15.38 -18.07 -22.61
C ALA A 106 -16.24 -16.81 -22.34
N LEU A 107 -17.14 -16.87 -21.36
CA LEU A 107 -18.06 -15.74 -21.05
C LEU A 107 -17.26 -14.50 -20.61
N SER A 108 -16.19 -14.70 -19.84
CA SER A 108 -15.29 -13.59 -19.41
C SER A 108 -14.69 -12.89 -20.65
N ASN A 109 -14.21 -13.65 -21.65
CA ASN A 109 -13.57 -13.09 -22.85
C ASN A 109 -14.62 -12.36 -23.72
N GLN A 110 -15.86 -12.83 -23.69
CA GLN A 110 -17.00 -12.15 -24.40
C GLN A 110 -17.32 -10.82 -23.72
N LEU A 111 -17.33 -10.79 -22.39
CA LEU A 111 -17.72 -9.61 -21.55
C LEU A 111 -16.57 -8.58 -21.51
N ALA A 112 -15.32 -9.01 -21.65
CA ALA A 112 -14.14 -8.20 -21.23
C ALA A 112 -14.15 -6.83 -21.92
N PRO A 113 -14.26 -6.72 -23.27
CA PRO A 113 -14.21 -5.42 -23.92
C PRO A 113 -15.27 -4.43 -23.40
N GLN A 114 -16.51 -4.88 -23.16
CA GLN A 114 -17.58 -4.00 -22.61
C GLN A 114 -17.25 -3.60 -21.18
N GLU A 115 -16.55 -4.47 -20.45
CA GLU A 115 -16.10 -4.16 -19.05
C GLU A 115 -14.87 -3.27 -19.05
N GLY A 116 -14.37 -2.82 -20.21
CA GLY A 116 -13.18 -1.97 -20.28
C GLY A 116 -11.90 -2.76 -20.05
N MET A 117 -11.95 -4.09 -20.24
CA MET A 117 -10.86 -5.08 -19.95
C MET A 117 -10.33 -5.63 -21.29
N VAL A 118 -9.14 -6.19 -21.28
CA VAL A 118 -8.63 -6.96 -22.43
C VAL A 118 -9.01 -8.43 -22.22
N ALA A 119 -9.56 -9.09 -23.24
CA ALA A 119 -9.87 -10.54 -23.21
C ALA A 119 -8.57 -11.35 -23.03
N ALA A 120 -8.65 -12.48 -22.37
CA ALA A 120 -7.60 -13.52 -22.41
C ALA A 120 -7.53 -14.08 -23.85
N GLN A 121 -6.39 -14.64 -24.22
CA GLN A 121 -6.15 -15.24 -25.56
C GLN A 121 -6.93 -16.55 -25.72
N HIS A 122 -7.11 -17.31 -24.64
CA HIS A 122 -7.70 -18.67 -24.67
C HIS A 122 -9.01 -18.67 -23.87
N SER A 123 -10.04 -19.31 -24.43
CA SER A 123 -11.35 -19.48 -23.76
C SER A 123 -11.47 -20.88 -23.19
N LEU A 124 -11.87 -20.96 -21.93
CA LEU A 124 -12.23 -22.23 -21.26
C LEU A 124 -13.68 -22.58 -21.57
N THR A 125 -13.95 -23.86 -21.80
CA THR A 125 -15.32 -24.38 -21.77
C THR A 125 -15.42 -25.44 -20.67
N PHE A 126 -16.64 -25.57 -20.18
CA PHE A 126 -17.00 -26.31 -18.96
C PHE A 126 -17.99 -27.39 -19.38
N ALA A 127 -17.81 -28.59 -18.85
CA ALA A 127 -18.84 -29.66 -18.86
C ALA A 127 -20.15 -29.13 -18.22
N ALA A 128 -21.28 -29.79 -18.52
CA ALA A 128 -22.63 -29.48 -17.95
C ALA A 128 -22.54 -29.37 -16.43
N ASN A 129 -21.69 -30.19 -15.81
CA ASN A 129 -21.61 -30.30 -14.32
C ASN A 129 -20.57 -29.32 -13.75
N GLY A 130 -19.96 -28.48 -14.60
CA GLY A 130 -19.15 -27.32 -14.15
C GLY A 130 -17.64 -27.55 -14.21
N TRP A 131 -17.17 -28.79 -14.34
CA TRP A 131 -15.69 -29.01 -14.40
C TRP A 131 -15.15 -28.55 -15.76
N VAL A 132 -14.01 -27.86 -15.78
CA VAL A 132 -13.37 -27.45 -17.07
C VAL A 132 -13.09 -28.70 -17.93
N GLU A 133 -13.42 -28.61 -19.20
CA GLU A 133 -12.98 -29.57 -20.25
C GLU A 133 -11.46 -29.46 -20.36
N PRO A 134 -10.72 -30.51 -19.97
CA PRO A 134 -9.27 -30.44 -19.88
C PRO A 134 -8.60 -30.05 -21.19
N ALA A 135 -9.21 -30.36 -22.34
CA ALA A 135 -8.60 -30.02 -23.64
C ALA A 135 -8.52 -28.50 -23.79
N THR A 136 -9.33 -27.75 -23.04
CA THR A 136 -9.32 -26.25 -23.16
C THR A 136 -8.39 -25.66 -22.12
N ALA A 137 -7.80 -26.50 -21.27
CA ALA A 137 -6.93 -26.07 -20.15
C ALA A 137 -5.63 -26.88 -20.16
N PRO A 138 -4.89 -26.89 -21.28
CA PRO A 138 -3.68 -27.70 -21.33
C PRO A 138 -2.60 -27.14 -20.39
N ASN A 139 -1.82 -28.08 -19.85
CA ASN A 139 -0.65 -27.76 -19.01
C ASN A 139 -1.09 -26.99 -17.75
N PHE A 140 -2.29 -27.22 -17.21
CA PHE A 140 -2.77 -26.50 -16.01
C PHE A 140 -2.21 -27.18 -14.76
N GLY A 141 -1.61 -28.35 -14.94
CA GLY A 141 -1.01 -29.14 -13.87
C GLY A 141 -1.98 -29.31 -12.70
N PRO A 142 -1.60 -28.84 -11.50
CA PRO A 142 -2.45 -29.04 -10.30
C PRO A 142 -3.64 -28.09 -10.22
N LEU A 143 -3.69 -27.10 -11.12
CA LEU A 143 -4.80 -26.13 -11.11
C LEU A 143 -6.07 -26.81 -11.60
N LYS A 144 -7.03 -27.11 -10.71
CA LYS A 144 -8.35 -27.71 -11.04
C LYS A 144 -9.38 -26.58 -11.13
N VAL A 145 -10.07 -26.44 -12.25
CA VAL A 145 -10.89 -25.23 -12.55
C VAL A 145 -12.35 -25.64 -12.68
N PHE A 146 -13.25 -24.90 -12.03
CA PHE A 146 -14.67 -25.30 -11.81
C PHE A 146 -15.58 -24.09 -11.94
N TYR A 147 -16.52 -24.15 -12.87
CA TYR A 147 -17.58 -23.14 -13.03
C TYR A 147 -18.75 -23.54 -12.14
N PRO A 148 -19.04 -22.80 -11.05
CA PRO A 148 -20.05 -23.22 -10.07
C PRO A 148 -21.49 -22.78 -10.43
N GLY A 149 -21.60 -22.00 -11.49
CA GLY A 149 -22.83 -21.31 -11.89
C GLY A 149 -22.76 -19.82 -11.56
N PRO A 150 -23.71 -19.02 -12.09
CA PRO A 150 -23.69 -17.57 -11.90
C PRO A 150 -23.87 -17.20 -10.41
N GLY A 151 -23.15 -16.16 -9.95
CA GLY A 151 -23.18 -15.73 -8.54
C GLY A 151 -22.81 -14.29 -8.40
N HIS A 152 -21.56 -14.01 -8.01
CA HIS A 152 -20.99 -12.63 -8.00
C HIS A 152 -21.12 -12.03 -9.41
N THR A 153 -20.82 -12.83 -10.45
CA THR A 153 -21.07 -12.51 -11.86
C THR A 153 -21.51 -13.78 -12.57
N SER A 154 -22.04 -13.64 -13.79
CA SER A 154 -22.46 -14.79 -14.62
C SER A 154 -21.25 -15.65 -14.98
N ASP A 155 -20.05 -15.06 -15.05
CA ASP A 155 -18.84 -15.69 -15.65
C ASP A 155 -17.90 -16.20 -14.56
N ASN A 156 -18.22 -16.02 -13.28
CA ASN A 156 -17.25 -16.33 -12.20
C ASN A 156 -16.82 -17.81 -12.23
N ILE A 157 -15.51 -18.07 -12.08
CA ILE A 157 -14.94 -19.43 -12.01
C ILE A 157 -14.05 -19.52 -10.78
N THR A 158 -13.74 -20.76 -10.41
CA THR A 158 -13.09 -21.08 -9.13
C THR A 158 -12.00 -22.11 -9.38
N VAL A 159 -11.01 -22.15 -8.49
CA VAL A 159 -9.82 -23.01 -8.72
C VAL A 159 -9.47 -23.74 -7.42
N GLY A 160 -9.09 -25.00 -7.52
CA GLY A 160 -8.47 -25.74 -6.41
C GLY A 160 -7.09 -26.15 -6.81
N ILE A 161 -6.19 -26.34 -5.84
CA ILE A 161 -4.79 -26.72 -6.15
C ILE A 161 -4.55 -28.14 -5.66
N ASP A 162 -4.48 -29.09 -6.60
CA ASP A 162 -4.24 -30.53 -6.27
C ASP A 162 -2.94 -30.63 -5.47
N GLY A 163 -2.89 -31.51 -4.47
CA GLY A 163 -1.69 -31.72 -3.64
C GLY A 163 -1.56 -30.70 -2.53
N THR A 164 -2.55 -29.82 -2.36
CA THR A 164 -2.61 -28.84 -1.23
C THR A 164 -4.00 -28.95 -0.62
N ASP A 165 -4.21 -28.20 0.46
N ASP A 165 -4.26 -28.25 0.48
CA ASP A 165 -5.50 -28.04 1.17
CA ASP A 165 -5.61 -28.15 1.07
C ASP A 165 -6.23 -26.79 0.67
C ASP A 165 -6.24 -26.81 0.67
N ILE A 166 -5.79 -26.20 -0.44
CA ILE A 166 -6.18 -24.82 -0.87
C ILE A 166 -7.23 -24.86 -1.98
N ALA A 167 -8.26 -24.03 -1.85
CA ALA A 167 -9.18 -23.70 -2.95
C ALA A 167 -9.47 -22.19 -2.90
N PHE A 168 -9.91 -21.68 -4.02
CA PHE A 168 -10.06 -20.22 -4.19
C PHE A 168 -11.36 -19.97 -4.95
N GLY A 169 -12.28 -19.26 -4.32
CA GLY A 169 -13.59 -18.97 -4.90
C GLY A 169 -13.64 -17.61 -5.55
N GLY A 170 -12.58 -16.82 -5.39
CA GLY A 170 -12.60 -15.41 -5.80
C GLY A 170 -13.80 -14.68 -5.24
N CYS A 171 -14.34 -13.70 -5.98
CA CYS A 171 -15.35 -12.78 -5.42
C CYS A 171 -16.71 -13.45 -5.21
N LEU A 172 -16.93 -14.69 -5.70
CA LEU A 172 -18.13 -15.48 -5.33
C LEU A 172 -18.23 -15.60 -3.80
N ILE A 173 -17.10 -15.83 -3.14
CA ILE A 173 -17.07 -16.17 -1.70
C ILE A 173 -16.64 -14.96 -0.89
N LYS A 174 -17.31 -14.77 0.25
CA LYS A 174 -17.01 -13.73 1.28
C LYS A 174 -16.44 -14.45 2.49
N ASP A 175 -15.65 -13.77 3.32
CA ASP A 175 -15.09 -14.44 4.53
C ASP A 175 -16.20 -14.56 5.59
N SER A 176 -15.94 -15.35 6.61
CA SER A 176 -16.96 -15.76 7.63
C SER A 176 -17.41 -14.55 8.47
N LYS A 177 -16.76 -13.39 8.34
CA LYS A 177 -17.03 -12.14 9.11
C LYS A 177 -17.73 -11.09 8.24
N ALA A 178 -18.04 -11.41 6.98
CA ALA A 178 -18.56 -10.43 6.01
C ALA A 178 -19.94 -9.93 6.47
N LYS A 179 -20.23 -8.66 6.20
CA LYS A 179 -21.49 -7.99 6.60
C LYS A 179 -22.40 -7.86 5.39
N SER A 180 -21.96 -8.34 4.23
CA SER A 180 -22.77 -8.36 3.00
C SER A 180 -22.09 -9.24 1.95
N LEU A 181 -22.73 -9.39 0.80
CA LEU A 181 -22.13 -10.02 -0.40
C LEU A 181 -21.44 -8.96 -1.26
N GLY A 182 -21.38 -7.72 -0.80
CA GLY A 182 -20.55 -6.69 -1.47
C GLY A 182 -21.20 -6.21 -2.76
N ASN A 183 -20.47 -6.22 -3.89
CA ASN A 183 -20.89 -5.66 -5.19
C ASN A 183 -21.84 -6.64 -5.88
N LEU A 184 -23.13 -6.33 -5.92
CA LEU A 184 -24.17 -7.18 -6.53
C LEU A 184 -24.61 -6.57 -7.85
N GLY A 185 -23.92 -5.52 -8.34
CA GLY A 185 -24.24 -4.88 -9.63
C GLY A 185 -24.33 -5.86 -10.78
N ASP A 186 -23.47 -6.89 -10.82
CA ASP A 186 -23.43 -7.86 -11.94
C ASP A 186 -23.88 -9.26 -11.47
N ALA A 187 -24.46 -9.35 -10.26
CA ALA A 187 -24.78 -10.64 -9.62
C ALA A 187 -26.05 -11.24 -10.21
N ASP A 188 -26.09 -12.56 -10.16
CA ASP A 188 -27.29 -13.39 -10.42
C ASP A 188 -27.91 -13.75 -9.07
N THR A 189 -28.94 -13.01 -8.62
CA THR A 189 -29.53 -13.13 -7.27
C THR A 189 -30.27 -14.47 -7.16
N GLU A 190 -30.79 -15.01 -8.27
CA GLU A 190 -31.56 -16.29 -8.27
C GLU A 190 -30.60 -17.44 -7.94
N HIS A 191 -29.42 -17.48 -8.59
CA HIS A 191 -28.55 -18.69 -8.64
C HIS A 191 -27.38 -18.61 -7.66
N TYR A 192 -27.13 -17.43 -7.07
CA TYR A 192 -25.94 -17.17 -6.22
C TYR A 192 -25.77 -18.28 -5.20
N ALA A 193 -26.79 -18.57 -4.40
CA ALA A 193 -26.67 -19.48 -3.23
C ALA A 193 -26.21 -20.86 -3.72
N ALA A 194 -26.84 -21.34 -4.77
CA ALA A 194 -26.58 -22.66 -5.38
C ALA A 194 -25.12 -22.72 -5.89
N SER A 195 -24.66 -21.63 -6.50
CA SER A 195 -23.29 -21.52 -7.04
C SER A 195 -22.28 -21.54 -5.90
N ALA A 196 -22.53 -20.82 -4.81
CA ALA A 196 -21.60 -20.85 -3.64
C ALA A 196 -21.54 -22.28 -3.09
N ARG A 197 -22.68 -22.95 -2.99
CA ARG A 197 -22.67 -24.31 -2.39
C ARG A 197 -21.98 -25.25 -3.39
N ALA A 198 -22.20 -25.07 -4.69
CA ALA A 198 -21.55 -25.90 -5.74
C ALA A 198 -20.02 -25.79 -5.60
N PHE A 199 -19.51 -24.59 -5.29
CA PHE A 199 -18.05 -24.39 -5.12
C PHE A 199 -17.57 -25.27 -3.96
N GLY A 200 -18.34 -25.30 -2.86
CA GLY A 200 -17.95 -26.12 -1.69
C GLY A 200 -17.96 -27.60 -2.03
N ALA A 201 -18.94 -28.02 -2.81
CA ALA A 201 -19.14 -29.43 -3.23
C ALA A 201 -18.03 -29.87 -4.21
N ALA A 202 -17.50 -28.95 -5.03
CA ALA A 202 -16.45 -29.24 -6.04
C ALA A 202 -15.12 -29.53 -5.35
N PHE A 203 -14.86 -28.93 -4.19
CA PHE A 203 -13.54 -28.98 -3.50
C PHE A 203 -13.77 -29.36 -2.04
N PRO A 204 -14.34 -30.56 -1.81
CA PRO A 204 -14.75 -30.96 -0.47
C PRO A 204 -13.57 -31.08 0.50
N LYS A 205 -12.36 -31.32 0.00
CA LYS A 205 -11.18 -31.58 0.88
C LYS A 205 -10.40 -30.29 1.19
N ALA A 206 -10.81 -29.14 0.65
CA ALA A 206 -10.10 -27.86 0.88
C ALA A 206 -10.45 -27.33 2.28
N SER A 207 -9.45 -27.14 3.14
CA SER A 207 -9.60 -26.59 4.51
C SER A 207 -9.15 -25.13 4.53
N MET A 208 -8.29 -24.71 3.61
CA MET A 208 -7.85 -23.30 3.51
C MET A 208 -8.51 -22.70 2.27
N ILE A 209 -9.50 -21.85 2.51
CA ILE A 209 -10.24 -21.12 1.46
C ILE A 209 -9.60 -19.73 1.35
N VAL A 210 -8.85 -19.57 0.29
CA VAL A 210 -8.17 -18.29 -0.02
C VAL A 210 -9.27 -17.29 -0.35
N MET A 211 -9.18 -16.08 0.23
CA MET A 211 -10.25 -15.07 0.13
C MET A 211 -9.85 -14.05 -0.93
N SER A 212 -10.84 -13.47 -1.61
CA SER A 212 -10.60 -12.53 -2.72
C SER A 212 -9.98 -11.22 -2.18
N HIS A 213 -10.29 -10.79 -0.97
CA HIS A 213 -9.86 -9.45 -0.48
C HIS A 213 -9.37 -9.43 0.96
N SER A 214 -9.27 -10.59 1.60
CA SER A 214 -8.86 -10.68 3.04
C SER A 214 -7.99 -11.92 3.21
N ALA A 215 -7.58 -12.21 4.44
CA ALA A 215 -6.70 -13.35 4.77
C ALA A 215 -7.47 -14.66 4.53
N PRO A 216 -6.77 -15.78 4.32
CA PRO A 216 -7.43 -17.05 4.06
C PRO A 216 -8.37 -17.46 5.23
N ASP A 217 -9.46 -18.14 4.91
CA ASP A 217 -10.49 -18.47 5.94
C ASP A 217 -10.76 -19.97 5.88
N SER A 218 -11.53 -20.46 6.82
CA SER A 218 -11.99 -21.88 6.86
C SER A 218 -13.19 -22.04 5.93
N ARG A 219 -13.74 -23.24 5.86
CA ARG A 219 -14.94 -23.53 5.05
C ARG A 219 -16.17 -22.77 5.58
N ALA A 220 -16.15 -22.21 6.81
CA ALA A 220 -17.23 -21.34 7.34
C ALA A 220 -17.51 -20.17 6.37
N ALA A 221 -16.47 -19.67 5.68
CA ALA A 221 -16.64 -18.64 4.64
C ALA A 221 -17.68 -19.09 3.62
N ILE A 222 -17.61 -20.34 3.15
CA ILE A 222 -18.52 -20.82 2.07
C ILE A 222 -19.97 -20.85 2.59
N THR A 223 -20.16 -21.38 3.77
CA THR A 223 -21.51 -21.54 4.37
C THR A 223 -22.11 -20.17 4.68
N HIS A 224 -21.32 -19.26 5.25
CA HIS A 224 -21.76 -17.87 5.53
C HIS A 224 -22.19 -17.22 4.21
N THR A 225 -21.35 -17.32 3.18
CA THR A 225 -21.68 -16.80 1.84
C THR A 225 -23.02 -17.37 1.35
N ALA A 226 -23.19 -18.71 1.32
CA ALA A 226 -24.42 -19.29 0.73
C ALA A 226 -25.60 -18.84 1.58
N ARG A 227 -25.44 -18.72 2.89
CA ARG A 227 -26.56 -18.30 3.79
C ARG A 227 -26.94 -16.84 3.49
N MET A 228 -25.96 -15.95 3.23
CA MET A 228 -26.30 -14.56 2.81
C MET A 228 -26.97 -14.60 1.44
N ALA A 229 -26.48 -15.43 0.50
CA ALA A 229 -27.04 -15.56 -0.86
C ALA A 229 -28.48 -16.09 -0.80
N ASP A 230 -28.81 -16.92 0.19
CA ASP A 230 -30.20 -17.42 0.34
C ASP A 230 -31.18 -16.24 0.42
N LYS A 231 -30.79 -15.15 1.11
CA LYS A 231 -31.66 -13.98 1.37
C LYS A 231 -31.89 -13.16 0.10
N LEU A 232 -31.18 -13.46 -1.00
CA LEU A 232 -31.25 -12.68 -2.26
C LEU A 232 -32.43 -13.16 -3.09
N ARG A 233 -32.92 -14.38 -2.85
CA ARG A 233 -33.93 -15.06 -3.70
C ARG A 233 -35.33 -14.68 -3.21
N GLY B 5 -7.72 20.21 -2.65
CA GLY B 5 -8.55 19.03 -2.24
C GLY B 5 -8.36 18.70 -0.77
N ASP B 6 -8.31 19.73 0.09
CA ASP B 6 -8.09 19.58 1.56
C ASP B 6 -9.28 18.87 2.21
N GLN B 7 -9.01 17.78 2.93
CA GLN B 7 -10.00 17.02 3.72
C GLN B 7 -9.85 17.44 5.19
N ARG B 8 -10.93 17.93 5.78
CA ARG B 8 -10.98 18.33 7.20
C ARG B 8 -11.41 17.15 8.04
N PHE B 9 -10.74 16.96 9.17
CA PHE B 9 -11.00 15.87 10.13
C PHE B 9 -10.71 16.43 11.52
N GLY B 10 -11.79 16.88 12.18
CA GLY B 10 -11.79 17.79 13.35
C GLY B 10 -10.87 18.97 13.14
N ASP B 11 -9.85 19.06 13.98
CA ASP B 11 -8.93 20.22 14.01
C ASP B 11 -7.80 20.02 13.00
N LEU B 12 -7.71 18.87 12.33
CA LEU B 12 -6.60 18.57 11.39
C LEU B 12 -7.06 18.68 9.94
N VAL B 13 -6.11 18.85 9.02
CA VAL B 13 -6.36 18.90 7.55
C VAL B 13 -5.45 17.85 6.90
N PHE B 14 -5.96 17.14 5.91
CA PHE B 14 -5.27 16.10 5.13
C PHE B 14 -5.38 16.44 3.65
N ARG B 15 -4.27 16.40 2.93
CA ARG B 15 -4.25 16.72 1.49
C ARG B 15 -3.53 15.58 0.78
N GLN B 16 -4.17 14.98 -0.22
CA GLN B 16 -3.49 13.97 -1.07
C GLN B 16 -2.47 14.69 -1.97
N LEU B 17 -1.22 14.26 -1.94
CA LEU B 17 -0.14 14.83 -2.78
C LEU B 17 0.10 13.98 -4.03
N ALA B 18 -0.09 12.66 -3.91
CA ALA B 18 0.21 11.66 -4.96
C ALA B 18 -0.58 10.42 -4.63
N PRO B 19 -0.70 9.42 -5.54
CA PRO B 19 -1.51 8.24 -5.27
C PRO B 19 -1.50 7.62 -3.86
N ASN B 20 -0.31 7.52 -3.29
CA ASN B 20 -0.08 6.80 -2.00
C ASN B 20 0.38 7.78 -0.90
N VAL B 21 0.25 9.08 -1.09
CA VAL B 21 0.97 10.08 -0.24
C VAL B 21 -0.04 11.16 0.14
N TRP B 22 -0.16 11.40 1.44
CA TRP B 22 -1.02 12.47 2.00
C TRP B 22 -0.15 13.35 2.91
N GLN B 23 -0.45 14.63 2.94
CA GLN B 23 0.07 15.55 3.98
C GLN B 23 -0.92 15.65 5.12
N HIS B 24 -0.41 15.58 6.36
CA HIS B 24 -1.17 15.92 7.57
C HIS B 24 -0.78 17.32 8.06
N THR B 25 -1.78 18.06 8.49
CA THR B 25 -1.63 19.44 9.02
C THR B 25 -2.34 19.50 10.36
N SER B 26 -1.61 19.95 11.39
CA SER B 26 -2.12 20.23 12.74
C SER B 26 -1.76 21.69 13.07
N TYR B 27 -2.49 22.28 14.01
CA TYR B 27 -2.34 23.72 14.39
C TYR B 27 -2.13 23.85 15.90
N LEU B 28 -1.29 24.82 16.27
CA LEU B 28 -1.06 25.21 17.69
C LEU B 28 -1.30 26.72 17.84
N ASP B 29 -2.16 27.08 18.78
CA ASP B 29 -2.42 28.51 19.16
C ASP B 29 -1.16 29.02 19.84
N MET B 30 -0.49 29.98 19.22
CA MET B 30 0.68 30.66 19.83
C MET B 30 0.40 32.16 19.93
N PRO B 31 0.16 32.67 21.16
CA PRO B 31 -0.04 34.11 21.35
C PRO B 31 1.01 34.92 20.58
N GLY B 32 0.52 35.88 19.79
CA GLY B 32 1.35 36.75 18.95
C GLY B 32 1.51 36.24 17.53
N PHE B 33 1.18 34.98 17.26
CA PHE B 33 1.47 34.33 15.96
C PHE B 33 0.19 33.78 15.32
N GLY B 34 -0.85 33.56 16.10
CA GLY B 34 -2.10 32.92 15.64
C GLY B 34 -2.04 31.42 15.73
N ALA B 35 -2.85 30.74 14.92
CA ALA B 35 -2.94 29.27 14.88
C ALA B 35 -1.89 28.75 13.90
N VAL B 36 -0.77 28.22 14.40
CA VAL B 36 0.41 27.88 13.56
C VAL B 36 0.28 26.45 13.02
N ALA B 37 0.23 26.30 11.69
CA ALA B 37 0.21 25.02 10.94
C ALA B 37 1.56 24.31 11.11
N SER B 38 1.54 23.00 11.26
CA SER B 38 2.72 22.12 11.10
C SER B 38 2.32 20.91 10.23
N ASN B 39 3.15 20.56 9.24
CA ASN B 39 2.84 19.48 8.27
C ASN B 39 3.75 18.27 8.50
N GLY B 40 3.21 17.09 8.20
CA GLY B 40 4.00 15.86 8.05
C GLY B 40 3.36 15.04 6.96
N LEU B 41 3.77 13.77 6.86
CA LEU B 41 3.35 12.92 5.73
C LEU B 41 2.73 11.62 6.23
N ILE B 42 1.88 11.07 5.35
CA ILE B 42 1.30 9.72 5.50
C ILE B 42 1.53 9.01 4.17
N VAL B 43 2.14 7.84 4.20
CA VAL B 43 2.49 7.08 2.97
C VAL B 43 1.89 5.68 3.06
N ARG B 44 1.06 5.28 2.08
CA ARG B 44 0.66 3.86 2.00
C ARG B 44 1.73 3.11 1.20
N ASP B 45 2.35 2.11 1.81
CA ASP B 45 3.32 1.21 1.17
C ASP B 45 2.69 -0.18 1.18
N GLY B 46 2.03 -0.54 0.07
CA GLY B 46 1.33 -1.81 -0.01
C GLY B 46 0.24 -1.89 1.05
N GLY B 47 0.32 -2.87 1.94
CA GLY B 47 -0.71 -3.15 2.97
C GLY B 47 -0.43 -2.52 4.32
N ARG B 48 0.42 -1.52 4.37
CA ARG B 48 0.75 -0.81 5.62
C ARG B 48 0.93 0.68 5.36
N VAL B 49 0.92 1.44 6.45
CA VAL B 49 1.03 2.91 6.42
C VAL B 49 2.28 3.32 7.21
N LEU B 50 2.98 4.31 6.68
CA LEU B 50 4.19 4.92 7.27
C LEU B 50 3.86 6.39 7.57
N VAL B 51 4.36 6.89 8.68
CA VAL B 51 4.12 8.28 9.11
C VAL B 51 5.47 9.02 9.25
N VAL B 52 5.51 10.23 8.71
CA VAL B 52 6.61 11.19 8.90
C VAL B 52 6.11 12.35 9.75
N ASP B 53 6.66 12.49 10.96
CA ASP B 53 6.35 13.55 11.93
C ASP B 53 5.03 13.33 12.67
N THR B 54 5.03 13.66 13.95
CA THR B 54 3.79 13.71 14.74
C THR B 54 3.12 15.05 14.41
N ALA B 55 1.97 15.28 15.05
CA ALA B 55 1.36 16.61 15.15
C ALA B 55 1.95 17.31 16.39
N TRP B 56 1.49 18.50 16.70
CA TRP B 56 2.00 19.30 17.85
C TRP B 56 1.75 18.57 19.16
N THR B 57 0.67 17.79 19.26
CA THR B 57 0.22 17.17 20.54
C THR B 57 -0.08 15.70 20.36
N ASP B 58 -0.13 14.98 21.48
CA ASP B 58 -0.63 13.58 21.54
C ASP B 58 -2.05 13.50 20.98
N ASP B 59 -2.97 14.35 21.44
CA ASP B 59 -4.38 14.25 21.03
C ASP B 59 -4.51 14.47 19.52
N GLN B 60 -3.76 15.41 18.95
CA GLN B 60 -3.79 15.65 17.48
C GLN B 60 -3.18 14.44 16.77
N THR B 61 -2.10 13.88 17.31
CA THR B 61 -1.47 12.70 16.67
C THR B 61 -2.47 11.52 16.72
N ALA B 62 -3.23 11.35 17.81
CA ALA B 62 -4.23 10.26 17.88
C ALA B 62 -5.28 10.47 16.78
N GLN B 63 -5.61 11.73 16.49
CA GLN B 63 -6.56 12.08 15.42
C GLN B 63 -5.98 11.71 14.05
N ILE B 64 -4.68 11.89 13.83
CA ILE B 64 -4.06 11.41 12.55
C ILE B 64 -4.32 9.90 12.44
N LEU B 65 -4.04 9.13 13.49
CA LEU B 65 -4.25 7.66 13.46
C LEU B 65 -5.74 7.33 13.22
N ASN B 66 -6.66 8.10 13.79
CA ASN B 66 -8.13 7.93 13.57
C ASN B 66 -8.47 8.15 12.10
N TRP B 67 -7.90 9.19 11.49
CA TRP B 67 -8.14 9.49 10.04
C TRP B 67 -7.60 8.34 9.20
N ILE B 68 -6.41 7.87 9.53
CA ILE B 68 -5.78 6.76 8.75
C ILE B 68 -6.71 5.55 8.82
N LYS B 69 -7.19 5.21 10.00
CA LYS B 69 -8.11 4.04 10.19
C LYS B 69 -9.36 4.26 9.32
N GLN B 70 -9.95 5.45 9.36
CA GLN B 70 -11.21 5.77 8.64
C GLN B 70 -10.98 5.73 7.12
N GLU B 71 -9.93 6.39 6.63
CA GLU B 71 -9.78 6.71 5.20
C GLU B 71 -8.88 5.70 4.51
N ILE B 72 -7.95 5.03 5.21
CA ILE B 72 -7.08 4.04 4.53
C ILE B 72 -7.41 2.63 5.01
N ASN B 73 -7.56 2.47 6.31
CA ASN B 73 -7.91 1.20 6.98
C ASN B 73 -6.81 0.16 6.78
N LEU B 74 -5.56 0.55 7.01
CA LEU B 74 -4.42 -0.38 7.04
C LEU B 74 -3.62 -0.06 8.28
N PRO B 75 -2.90 -1.06 8.84
CA PRO B 75 -2.05 -0.84 10.01
C PRO B 75 -0.92 0.17 9.70
N VAL B 76 -0.60 1.00 10.68
CA VAL B 76 0.57 1.92 10.60
C VAL B 76 1.75 1.14 11.17
N ALA B 77 2.77 0.89 10.36
CA ALA B 77 3.88 0.00 10.70
C ALA B 77 4.93 0.80 11.48
N LEU B 78 5.19 2.02 11.04
CA LEU B 78 6.33 2.78 11.61
C LEU B 78 6.13 4.27 11.40
N ALA B 79 6.84 5.04 12.19
CA ALA B 79 6.89 6.50 12.08
C ALA B 79 8.34 6.92 12.20
N VAL B 80 8.69 7.94 11.43
CA VAL B 80 10.00 8.63 11.54
C VAL B 80 9.74 10.11 11.82
N VAL B 81 10.51 10.68 12.72
CA VAL B 81 10.34 12.12 13.07
C VAL B 81 11.61 12.90 12.72
N THR B 82 11.48 14.15 12.31
CA THR B 82 12.55 14.86 11.56
C THR B 82 13.41 15.74 12.49
N HIS B 83 12.95 16.10 13.70
CA HIS B 83 13.84 16.74 14.72
C HIS B 83 13.10 16.86 16.06
N ALA B 84 13.85 17.12 17.13
CA ALA B 84 13.33 17.19 18.52
C ALA B 84 12.83 18.61 18.84
N HIS B 85 11.77 19.04 18.15
CA HIS B 85 10.92 20.18 18.53
C HIS B 85 9.45 19.70 18.56
N GLN B 86 8.60 20.47 19.27
CA GLN B 86 7.22 20.05 19.62
C GLN B 86 6.40 19.79 18.32
N ASP B 87 6.65 20.57 17.26
CA ASP B 87 5.82 20.44 16.03
C ASP B 87 6.04 19.07 15.37
N LYS B 88 7.21 18.44 15.54
CA LYS B 88 7.53 17.18 14.83
C LYS B 88 7.54 15.97 15.77
N MET B 89 7.73 16.18 17.08
CA MET B 89 7.88 15.10 18.08
C MET B 89 6.90 15.24 19.25
N GLY B 90 6.02 16.25 19.25
CA GLY B 90 5.11 16.54 20.37
C GLY B 90 4.13 15.41 20.64
N GLY B 91 3.87 14.55 19.67
CA GLY B 91 2.85 13.49 19.76
C GLY B 91 3.43 12.09 19.89
N MET B 92 4.67 11.93 20.34
CA MET B 92 5.34 10.59 20.29
C MET B 92 4.56 9.56 21.16
N ASP B 93 4.09 9.95 22.34
CA ASP B 93 3.32 9.01 23.21
C ASP B 93 2.14 8.39 22.44
N ALA B 94 1.38 9.18 21.69
CA ALA B 94 0.21 8.68 20.95
C ALA B 94 0.62 7.58 19.97
N LEU B 95 1.79 7.71 19.32
CA LEU B 95 2.28 6.65 18.39
C LEU B 95 2.61 5.40 19.20
N HIS B 96 3.27 5.56 20.34
CA HIS B 96 3.72 4.42 21.20
C HIS B 96 2.49 3.68 21.72
N ALA B 97 1.46 4.43 22.13
CA ALA B 97 0.19 3.90 22.68
C ALA B 97 -0.45 3.01 21.62
N ALA B 98 -0.31 3.34 20.32
CA ALA B 98 -0.92 2.62 19.20
C ALA B 98 -0.05 1.45 18.71
N GLY B 99 1.06 1.14 19.38
CA GLY B 99 1.92 0.01 19.00
C GLY B 99 2.76 0.32 17.77
N ILE B 100 2.97 1.58 17.43
CA ILE B 100 3.76 1.95 16.21
C ILE B 100 5.24 2.01 16.58
N ALA B 101 6.10 1.39 15.76
CA ALA B 101 7.58 1.45 15.90
C ALA B 101 8.01 2.86 15.45
N THR B 102 8.76 3.54 16.29
CA THR B 102 9.16 4.95 16.05
C THR B 102 10.67 5.05 15.89
N TYR B 103 11.07 5.94 14.99
CA TYR B 103 12.48 6.15 14.59
C TYR B 103 12.74 7.64 14.57
N ALA B 104 13.93 8.00 15.03
CA ALA B 104 14.48 9.36 14.94
C ALA B 104 16.00 9.27 14.84
N ASN B 105 16.62 10.32 14.33
CA ASN B 105 18.07 10.55 14.44
C ASN B 105 18.49 10.22 15.88
N ALA B 106 19.57 9.47 16.05
CA ALA B 106 20.13 9.24 17.41
C ALA B 106 20.22 10.57 18.17
N LEU B 107 20.69 11.65 17.55
CA LEU B 107 20.80 12.94 18.23
C LEU B 107 19.45 13.47 18.66
N SER B 108 18.39 13.32 17.85
CA SER B 108 17.02 13.73 18.24
C SER B 108 16.61 12.98 19.53
N ASN B 109 16.94 11.70 19.65
CA ASN B 109 16.52 10.87 20.83
C ASN B 109 17.32 11.30 22.06
N GLN B 110 18.56 11.73 21.87
CA GLN B 110 19.41 12.24 22.98
C GLN B 110 18.86 13.58 23.48
N LEU B 111 18.38 14.42 22.57
CA LEU B 111 17.84 15.78 22.89
C LEU B 111 16.42 15.70 23.45
N ALA B 112 15.61 14.73 23.03
CA ALA B 112 14.15 14.78 23.28
C ALA B 112 13.87 14.99 24.78
N PRO B 113 14.46 14.23 25.71
CA PRO B 113 14.11 14.36 27.13
C PRO B 113 14.25 15.79 27.67
N GLN B 114 15.35 16.46 27.36
CA GLN B 114 15.60 17.86 27.83
C GLN B 114 14.61 18.82 27.15
N GLU B 115 14.18 18.51 25.93
CA GLU B 115 13.17 19.30 25.18
C GLU B 115 11.76 19.04 25.74
N GLY B 116 11.60 18.17 26.72
CA GLY B 116 10.29 17.85 27.34
C GLY B 116 9.46 16.94 26.43
N MET B 117 10.14 16.14 25.64
CA MET B 117 9.45 15.18 24.76
C MET B 117 9.98 13.77 24.95
N VAL B 118 9.26 12.86 24.33
CA VAL B 118 9.51 11.43 24.45
C VAL B 118 10.39 11.08 23.25
N ALA B 119 11.55 10.46 23.51
CA ALA B 119 12.42 9.87 22.47
C ALA B 119 11.64 8.84 21.65
N ALA B 120 12.00 8.66 20.39
CA ALA B 120 11.57 7.51 19.60
C ALA B 120 12.19 6.22 20.18
N GLN B 121 11.61 5.08 19.83
CA GLN B 121 12.05 3.75 20.33
C GLN B 121 13.42 3.38 19.75
N HIS B 122 13.68 3.81 18.51
CA HIS B 122 14.85 3.38 17.71
C HIS B 122 15.62 4.62 17.24
N SER B 123 16.94 4.52 17.23
CA SER B 123 17.86 5.59 16.80
C SER B 123 18.42 5.28 15.40
N LEU B 124 18.30 6.24 14.50
CA LEU B 124 18.95 6.19 13.17
C LEU B 124 20.39 6.69 13.29
N THR B 125 21.32 6.08 12.58
CA THR B 125 22.66 6.68 12.40
C THR B 125 22.88 6.87 10.90
N PHE B 126 23.77 7.76 10.58
CA PHE B 126 23.96 8.26 9.21
C PHE B 126 25.40 8.01 8.82
N ALA B 127 25.61 7.56 7.60
CA ALA B 127 26.97 7.42 7.01
C ALA B 127 27.57 8.82 6.81
N ALA B 128 28.85 8.82 6.48
CA ALA B 128 29.64 10.07 6.24
C ALA B 128 29.01 10.88 5.10
N ASN B 129 28.28 10.24 4.20
CA ASN B 129 27.63 10.93 3.05
C ASN B 129 26.22 11.46 3.41
N GLY B 130 25.77 11.28 4.66
CA GLY B 130 24.45 11.76 5.13
C GLY B 130 23.33 10.74 4.95
N TRP B 131 23.53 9.69 4.15
CA TRP B 131 22.46 8.69 3.96
C TRP B 131 22.34 7.83 5.23
N VAL B 132 21.11 7.45 5.58
CA VAL B 132 20.83 6.58 6.76
C VAL B 132 21.53 5.22 6.58
N GLU B 133 22.18 4.74 7.64
CA GLU B 133 22.69 3.34 7.69
C GLU B 133 21.49 2.39 7.60
N PRO B 134 21.41 1.58 6.53
CA PRO B 134 20.22 0.80 6.29
C PRO B 134 19.88 -0.12 7.47
N ALA B 135 20.88 -0.63 8.18
CA ALA B 135 20.68 -1.54 9.34
C ALA B 135 19.89 -0.84 10.47
N THR B 136 19.89 0.49 10.51
CA THR B 136 19.21 1.25 11.58
C THR B 136 17.81 1.67 11.11
N ALA B 137 17.47 1.42 9.85
CA ALA B 137 16.18 1.80 9.24
C ALA B 137 15.56 0.58 8.60
N PRO B 138 15.35 -0.53 9.35
CA PRO B 138 14.77 -1.75 8.79
C PRO B 138 13.32 -1.51 8.34
N ASN B 139 12.98 -2.08 7.20
CA ASN B 139 11.59 -2.13 6.68
C ASN B 139 11.07 -0.72 6.43
N PHE B 140 11.90 0.21 5.96
CA PHE B 140 11.46 1.60 5.68
C PHE B 140 10.77 1.70 4.31
N GLY B 141 10.85 0.64 3.51
CA GLY B 141 10.20 0.60 2.18
C GLY B 141 10.60 1.81 1.35
N PRO B 142 9.66 2.63 0.86
CA PRO B 142 10.03 3.74 -0.02
C PRO B 142 10.54 4.99 0.70
N LEU B 143 10.61 5.01 2.03
CA LEU B 143 11.13 6.20 2.75
C LEU B 143 12.65 6.21 2.65
N LYS B 144 13.20 7.22 2.02
CA LYS B 144 14.65 7.40 1.85
C LYS B 144 15.07 8.54 2.78
N VAL B 145 15.90 8.26 3.78
CA VAL B 145 16.17 9.20 4.90
C VAL B 145 17.61 9.70 4.82
N PHE B 146 17.75 11.02 4.83
CA PHE B 146 19.00 11.77 4.56
C PHE B 146 19.22 12.81 5.64
N TYR B 147 20.39 12.78 6.27
CA TYR B 147 20.84 13.85 7.19
C TYR B 147 21.67 14.84 6.38
N PRO B 148 21.19 16.08 6.20
CA PRO B 148 21.86 17.04 5.33
C PRO B 148 22.95 17.85 6.00
N GLY B 149 23.07 17.67 7.32
CA GLY B 149 23.95 18.49 8.16
C GLY B 149 23.12 19.45 8.98
N PRO B 150 23.76 20.13 9.96
CA PRO B 150 23.04 21.01 10.87
C PRO B 150 22.51 22.24 10.13
N GLY B 151 21.30 22.66 10.48
CA GLY B 151 20.69 23.88 9.94
C GLY B 151 19.69 24.45 10.90
N HIS B 152 18.40 24.17 10.66
CA HIS B 152 17.31 24.58 11.58
C HIS B 152 17.67 24.13 13.00
N THR B 153 18.11 22.88 13.09
CA THR B 153 18.68 22.30 14.32
C THR B 153 19.88 21.43 13.93
N SER B 154 20.66 21.03 14.93
CA SER B 154 21.76 20.06 14.72
C SER B 154 21.26 18.69 14.25
N ASP B 155 20.05 18.28 14.64
CA ASP B 155 19.54 16.90 14.51
C ASP B 155 18.64 16.78 13.27
N ASN B 156 18.37 17.86 12.55
CA ASN B 156 17.30 17.85 11.51
C ASN B 156 17.61 16.79 10.44
N ILE B 157 16.60 15.99 10.07
CA ILE B 157 16.72 14.98 8.97
C ILE B 157 15.62 15.21 7.96
N THR B 158 15.77 14.59 6.81
CA THR B 158 14.91 14.83 5.62
C THR B 158 14.52 13.48 5.04
N VAL B 159 13.44 13.45 4.26
CA VAL B 159 12.93 12.18 3.72
C VAL B 159 12.41 12.39 2.30
N GLY B 160 12.75 11.47 1.40
CA GLY B 160 12.13 11.40 0.07
C GLY B 160 11.29 10.17 -0.07
N ILE B 161 10.36 10.18 -0.99
CA ILE B 161 9.51 8.97 -1.17
C ILE B 161 9.83 8.34 -2.51
N ASP B 162 10.46 7.17 -2.49
CA ASP B 162 10.78 6.41 -3.72
C ASP B 162 9.52 6.26 -4.57
N GLY B 163 9.66 6.32 -5.88
CA GLY B 163 8.53 6.13 -6.82
C GLY B 163 7.64 7.35 -6.88
N THR B 164 8.02 8.45 -6.22
CA THR B 164 7.32 9.74 -6.36
C THR B 164 8.33 10.82 -6.71
N ASP B 165 7.83 12.02 -7.00
CA ASP B 165 8.62 13.25 -7.22
C ASP B 165 8.69 14.07 -5.92
N ILE B 166 8.39 13.46 -4.77
CA ILE B 166 8.20 14.18 -3.47
C ILE B 166 9.44 14.07 -2.58
N ALA B 167 9.89 15.18 -2.01
CA ALA B 167 10.88 15.19 -0.90
C ALA B 167 10.42 16.17 0.19
N PHE B 168 10.80 15.91 1.43
CA PHE B 168 10.34 16.69 2.60
C PHE B 168 11.55 17.12 3.40
N GLY B 169 11.77 18.43 3.49
CA GLY B 169 12.91 19.02 4.21
C GLY B 169 12.60 19.38 5.65
N GLY B 170 11.37 19.17 6.11
CA GLY B 170 10.89 19.68 7.40
C GLY B 170 11.28 21.13 7.62
N CYS B 171 11.70 21.49 8.84
CA CYS B 171 11.81 22.94 9.17
C CYS B 171 13.12 23.52 8.62
N LEU B 172 14.02 22.69 8.09
CA LEU B 172 15.24 23.19 7.42
C LEU B 172 14.86 24.12 6.26
N ILE B 173 13.82 23.78 5.50
CA ILE B 173 13.45 24.46 4.22
C ILE B 173 12.25 25.37 4.45
N LYS B 174 12.32 26.61 3.92
CA LYS B 174 11.23 27.62 3.94
C LYS B 174 10.68 27.72 2.54
N ASP B 175 9.45 28.23 2.38
CA ASP B 175 8.86 28.30 1.03
C ASP B 175 9.52 29.47 0.29
N SER B 176 9.22 29.58 -1.01
CA SER B 176 9.91 30.53 -1.92
C SER B 176 9.45 31.98 -1.64
N LYS B 177 8.51 32.21 -0.73
CA LYS B 177 8.04 33.59 -0.39
C LYS B 177 8.35 33.90 1.09
N ALA B 178 9.05 33.02 1.80
CA ALA B 178 9.44 33.27 3.21
C ALA B 178 10.24 34.57 3.30
N LYS B 179 10.05 35.32 4.38
CA LYS B 179 10.77 36.59 4.68
C LYS B 179 11.99 36.32 5.57
N SER B 180 12.15 35.11 6.11
CA SER B 180 13.28 34.79 7.00
C SER B 180 13.42 33.27 7.14
N LEU B 181 14.39 32.85 7.95
CA LEU B 181 14.57 31.41 8.31
C LEU B 181 13.79 31.06 9.59
N GLY B 182 12.92 31.95 10.10
CA GLY B 182 12.10 31.70 11.31
C GLY B 182 12.91 31.46 12.58
N ASN B 183 12.62 30.36 13.29
CA ASN B 183 13.19 30.08 14.64
C ASN B 183 14.64 29.59 14.52
N LEU B 184 15.61 30.46 14.82
CA LEU B 184 17.05 30.10 14.76
C LEU B 184 17.60 29.89 16.18
N GLY B 185 16.75 29.72 17.19
CA GLY B 185 17.16 29.49 18.59
C GLY B 185 18.10 28.32 18.74
N ASP B 186 17.90 27.23 17.98
CA ASP B 186 18.69 25.98 18.08
C ASP B 186 19.44 25.76 16.76
N ALA B 187 19.53 26.78 15.90
CA ALA B 187 20.09 26.67 14.54
C ALA B 187 21.61 26.68 14.55
N ASP B 188 22.17 26.19 13.45
CA ASP B 188 23.61 26.29 13.09
C ASP B 188 23.70 27.23 11.89
N THR B 189 23.96 28.51 12.14
CA THR B 189 23.95 29.56 11.10
C THR B 189 25.15 29.38 10.17
N GLU B 190 26.26 28.82 10.66
CA GLU B 190 27.50 28.56 9.87
C GLU B 190 27.20 27.53 8.76
N HIS B 191 26.49 26.44 9.08
CA HIS B 191 26.34 25.25 8.19
C HIS B 191 24.98 25.24 7.46
N TYR B 192 24.06 26.14 7.84
CA TYR B 192 22.66 26.13 7.34
C TYR B 192 22.62 26.06 5.81
N ALA B 193 23.22 27.02 5.10
CA ALA B 193 23.15 27.10 3.63
C ALA B 193 23.61 25.77 3.00
N ALA B 194 24.73 25.24 3.46
CA ALA B 194 25.32 23.99 2.92
C ALA B 194 24.36 22.83 3.18
N SER B 195 23.72 22.84 4.35
CA SER B 195 22.71 21.78 4.68
C SER B 195 21.49 21.89 3.75
N ALA B 196 20.97 23.07 3.53
CA ALA B 196 19.83 23.24 2.61
C ALA B 196 20.21 22.78 1.19
N ARG B 197 21.41 23.12 0.69
CA ARG B 197 21.89 22.65 -0.62
C ARG B 197 22.12 21.13 -0.62
N ALA B 198 22.64 20.54 0.47
CA ALA B 198 22.84 19.07 0.53
C ALA B 198 21.48 18.38 0.39
N PHE B 199 20.41 18.91 1.02
CA PHE B 199 19.05 18.31 0.89
C PHE B 199 18.66 18.32 -0.60
N GLY B 200 18.85 19.46 -1.28
CA GLY B 200 18.55 19.56 -2.74
C GLY B 200 19.33 18.52 -3.55
N ALA B 201 20.60 18.33 -3.25
CA ALA B 201 21.51 17.43 -3.99
C ALA B 201 21.16 15.96 -3.69
N ALA B 202 20.55 15.64 -2.53
CA ALA B 202 20.19 14.26 -2.12
C ALA B 202 18.95 13.76 -2.85
N PHE B 203 18.06 14.68 -3.25
CA PHE B 203 16.77 14.41 -3.92
C PHE B 203 16.73 15.27 -5.18
N PRO B 204 17.67 15.03 -6.12
CA PRO B 204 17.85 15.97 -7.23
C PRO B 204 16.67 15.90 -8.23
N LYS B 205 15.88 14.82 -8.24
CA LYS B 205 14.73 14.63 -9.17
C LYS B 205 13.42 15.05 -8.50
N ALA B 206 13.41 15.39 -7.21
CA ALA B 206 12.18 15.79 -6.52
C ALA B 206 11.72 17.12 -7.13
N SER B 207 10.46 17.21 -7.53
CA SER B 207 9.85 18.47 -8.03
C SER B 207 8.80 19.00 -7.05
N MET B 208 8.23 18.15 -6.19
CA MET B 208 7.31 18.62 -5.14
C MET B 208 8.05 18.60 -3.80
N ILE B 209 8.37 19.77 -3.29
CA ILE B 209 9.06 19.93 -1.99
C ILE B 209 8.00 20.26 -0.95
N VAL B 210 7.77 19.30 -0.05
CA VAL B 210 6.75 19.44 1.02
C VAL B 210 7.36 20.32 2.10
N MET B 211 6.58 21.30 2.55
CA MET B 211 6.97 22.38 3.49
C MET B 211 6.51 22.01 4.91
N SER B 212 7.28 22.36 5.93
CA SER B 212 6.95 22.13 7.35
C SER B 212 5.70 22.92 7.72
N HIS B 213 5.44 24.09 7.21
CA HIS B 213 4.33 24.92 7.78
C HIS B 213 3.39 25.52 6.73
N SER B 214 3.59 25.22 5.46
CA SER B 214 2.82 25.88 4.37
C SER B 214 2.61 24.86 3.26
N ALA B 215 1.96 25.27 2.19
CA ALA B 215 1.62 24.36 1.06
C ALA B 215 2.90 23.91 0.34
N PRO B 216 2.88 22.73 -0.31
CA PRO B 216 4.03 22.25 -1.08
C PRO B 216 4.50 23.29 -2.10
N ASP B 217 5.81 23.34 -2.32
CA ASP B 217 6.42 24.35 -3.21
C ASP B 217 7.30 23.63 -4.23
N SER B 218 7.87 24.39 -5.15
CA SER B 218 8.82 23.88 -6.16
C SER B 218 10.22 23.83 -5.52
N ARG B 219 11.22 23.42 -6.29
CA ARG B 219 12.64 23.43 -5.85
C ARG B 219 13.12 24.85 -5.53
N ALA B 220 12.42 25.87 -6.02
CA ALA B 220 12.69 27.29 -5.70
C ALA B 220 12.66 27.51 -4.19
N ALA B 221 11.91 26.72 -3.40
CA ALA B 221 11.94 26.85 -1.93
C ALA B 221 13.33 26.50 -1.40
N ILE B 222 13.98 25.50 -1.99
CA ILE B 222 15.33 25.06 -1.52
C ILE B 222 16.36 26.17 -1.84
N THR B 223 16.31 26.64 -3.08
CA THR B 223 17.17 27.72 -3.63
C THR B 223 17.04 28.98 -2.76
N HIS B 224 15.80 29.43 -2.50
CA HIS B 224 15.47 30.62 -1.67
C HIS B 224 15.98 30.45 -0.25
N THR B 225 15.76 29.27 0.36
CA THR B 225 16.25 28.97 1.72
C THR B 225 17.77 29.10 1.79
N ALA B 226 18.49 28.47 0.87
CA ALA B 226 19.96 28.47 0.80
C ALA B 226 20.46 29.91 0.64
N ARG B 227 19.77 30.74 -0.14
CA ARG B 227 20.24 32.12 -0.44
C ARG B 227 20.05 33.00 0.79
N MET B 228 18.92 32.85 1.50
CA MET B 228 18.69 33.53 2.81
C MET B 228 19.76 33.05 3.80
N ALA B 229 20.07 31.75 3.81
CA ALA B 229 21.05 31.19 4.76
C ALA B 229 22.47 31.67 4.41
N ASP B 230 22.74 31.92 3.13
CA ASP B 230 24.04 32.51 2.67
C ASP B 230 24.32 33.81 3.44
N LYS B 231 23.30 34.63 3.66
CA LYS B 231 23.42 35.94 4.36
C LYS B 231 23.88 35.76 5.82
N LEU B 232 23.64 34.60 6.44
CA LEU B 232 23.90 34.40 7.89
C LEU B 232 25.34 33.97 8.14
N ARG B 233 26.08 33.61 7.09
CA ARG B 233 27.51 33.23 7.20
C ARG B 233 28.35 34.50 7.09
C10 A1A14 C . -17.85 -4.59 -2.52
C15 A1A14 C . -17.40 -4.09 -0.16
C11 A1A14 C . -18.94 -3.73 -2.43
C12 A1A14 C . -19.20 -3.12 -1.20
C14 A1A14 C . -18.49 -3.26 -0.03
C01 A1A14 C . -13.77 -6.72 -0.28
C02 A1A14 C . -15.02 -5.84 -0.27
C03 A1A14 C . -15.87 -5.68 -1.45
C04 A1A14 C . -15.47 -6.36 -2.81
P05 A1A14 C . -16.61 -7.73 -3.33
O06 A1A14 C . -15.72 -8.88 -3.91
O07 A1A14 C . -17.37 -8.24 -2.05
O08 A1A14 C . -17.64 -7.30 -4.43
C09 A1A14 C . -17.07 -4.73 -1.39
BR13 A1A14 C . -20.71 -1.96 -1.14
N16 A1A14 C . -16.54 -4.33 1.06
C17 A1A14 C . -16.86 -3.65 2.35
C18 A1A14 C . -16.41 -2.18 2.27
C19 A1A14 C . -14.87 -2.12 2.67
C20 A1A14 C . -14.86 -1.65 3.98
C21 A1A14 C . -16.16 -0.64 4.03
C22 A1A14 C . -17.19 -1.37 3.42
C23 A1A14 C . -15.35 -5.15 0.98
O24 A1A14 C . -14.68 -5.33 1.93
C10 A1A14 D . -14.30 -4.13 -4.87
C15 A1A14 D . -15.87 -2.31 -5.33
C11 A1A14 D . -14.16 -3.69 -3.56
C12 A1A14 D . -14.91 -2.56 -3.18
C14 A1A14 D . -15.78 -1.90 -4.03
C01 A1A14 D . -16.22 -3.71 -9.53
C02 A1A14 D . -16.10 -3.23 -8.10
C03 A1A14 D . -15.22 -3.92 -7.16
C04 A1A14 D . -14.44 -5.16 -7.65
P05 A1A14 D . -15.32 -6.74 -7.22
O06 A1A14 D . -16.78 -6.55 -7.13
O07 A1A14 D . -14.83 -7.06 -5.88
O08 A1A14 D . -14.82 -7.75 -8.21
C09 A1A14 D . -15.11 -3.44 -5.75
BR13 A1A14 D . -14.78 -2.00 -1.35
N16 A1A14 D . -16.76 -1.57 -6.31
C17 A1A14 D . -17.59 -0.39 -5.91
C18 A1A14 D . -18.79 -0.82 -5.05
C19 A1A14 D . -19.82 -1.77 -5.83
C20 A1A14 D . -21.02 -1.52 -5.19
C21 A1A14 D . -21.01 0.10 -4.82
C22 A1A14 D . -19.67 0.51 -4.80
C23 A1A14 D . -16.88 -2.04 -7.68
O24 A1A14 D . -17.59 -1.49 -8.45
ZN ZN E . -16.13 -8.74 -9.29
ZN ZN F . -14.31 -8.78 -5.05
C1 GOL G . 17.88 23.66 -6.64
O1 GOL G . 17.70 22.55 -7.53
C2 GOL G . 18.57 23.37 -5.31
O2 GOL G . 19.17 22.07 -5.22
C3 GOL G . 19.60 24.40 -4.85
O3 GOL G . 19.34 25.74 -5.28
C10 A1A14 H . 7.15 27.32 15.19
C15 A1A14 H . 7.80 28.86 16.99
C11 A1A14 H . 6.42 28.38 14.66
C12 A1A14 H . 6.42 29.63 15.31
C14 A1A14 H . 7.06 29.92 16.46
C01 A1A14 H . 10.29 25.57 18.87
C02 A1A14 H . 9.43 26.70 18.20
C03 A1A14 H . 8.68 26.48 16.98
C04 A1A14 H . 8.67 25.09 16.26
P05 A1A14 H . 9.89 25.02 14.86
O06 A1A14 H . 11.01 26.03 15.30
O07 A1A14 H . 9.23 25.70 13.72
O08 A1A14 H . 10.24 23.50 14.90
C09 A1A14 H . 7.82 27.58 16.37
BR13 A1A14 H . 5.38 31.04 14.52
N16 A1A14 H . 8.53 29.12 18.25
C17 A1A14 H . 8.34 30.53 18.76
C18 A1A14 H . 9.60 31.30 19.14
C19 A1A14 H . 10.82 31.06 18.15
C20 A1A14 H . 11.56 32.22 18.30
C21 A1A14 H . 10.66 33.28 19.21
C22 A1A14 H . 9.34 32.88 19.01
C23 A1A14 H . 9.35 28.05 18.86
O24 A1A14 H . 9.99 28.19 19.87
C10 A1A14 I . 9.36 30.54 13.51
C15 A1A14 I . 7.95 32.12 12.24
C11 A1A14 I . 9.84 31.63 14.23
C12 A1A14 I . 9.36 32.90 13.92
C14 A1A14 I . 8.44 33.19 12.94
C01 A1A14 I . 6.25 28.72 9.84
C02 A1A14 I . 6.84 29.87 10.68
C03 A1A14 I . 7.85 29.60 11.71
C04 A1A14 I . 8.32 28.13 12.05
P05 A1A14 I . 10.06 27.62 11.58
O06 A1A14 I . 10.32 28.48 10.33
O07 A1A14 I . 11.11 27.88 12.66
O08 A1A14 I . 10.01 26.11 11.18
C09 A1A14 I . 8.41 30.79 12.52
BR13 A1A14 I . 9.99 34.40 14.93
N16 A1A14 I . 6.91 32.39 11.14
C17 A1A14 I . 6.42 33.79 10.85
C18 A1A14 I . 5.45 34.19 12.01
C19 A1A14 I . 5.00 35.72 11.90
C20 A1A14 I . 3.69 35.66 11.45
C21 A1A14 I . 3.08 34.18 11.93
C22 A1A14 I . 4.13 33.29 11.99
C23 A1A14 I . 6.37 31.25 10.40
O24 A1A14 I . 5.55 31.42 9.55
ZN ZN J . 12.14 23.10 14.99
ZN ZN K . 9.19 24.69 11.92
#